data_2C7S
#
_entry.id   2C7S
#
_cell.length_a   91.373
_cell.length_b   91.373
_cell.length_c   108.415
_cell.angle_alpha   90.00
_cell.angle_beta   90.00
_cell.angle_gamma   90.00
#
_symmetry.space_group_name_H-M   'P 43 21 2'
#
loop_
_entity.id
_entity.type
_entity.pdbx_description
1 polymer 'RECEPTOR-TYPE TYROSINE-PROTEIN PHOSPHATASE KAPPA'
2 non-polymer 'ACETATE ION'
3 water water
#
_entity_poly.entity_id   1
_entity_poly.type   'polypeptide(L)'
_entity_poly.pdbx_seq_one_letter_code
;MHHHHHHSSGVDLGTENLYFQSMPAIRVADLLQHINLMKTSDSYGFKEEYESFFEGQSASWDVAKKDQNRAKNRYGNIIA
YDHSRVILQPVEDDPSSDYINANYIDGYQRPSHYIATQGPVHETVYDFWRMIWQEQSACIVMVTNLVEVGRVKCYKYWPD
DTEVYGDFKVTCVEMEPLAEYVVRTFTLERRGYNEIREVKQFHFTGWPDHGVPYHATGLLSFIRRVKLSNPPSAGPIVVH
CSAGAGRTGCYIVIDIMLDMAEREGVVDIYNCVKALRSRRINMVQTEEQYIFIHDAILEACLCGETAIPVCEF
;
_entity_poly.pdbx_strand_id   A
#
# COMPACT_ATOMS: atom_id res chain seq x y z
N MET A 23 8.74 23.48 1.09
CA MET A 23 8.95 22.74 -0.19
C MET A 23 7.69 22.87 -1.06
N PRO A 24 7.78 23.63 -2.19
CA PRO A 24 6.59 23.88 -3.00
C PRO A 24 6.20 22.69 -3.86
N ALA A 25 4.95 22.66 -4.29
CA ALA A 25 4.47 21.68 -5.27
C ALA A 25 5.13 21.96 -6.63
N ILE A 26 5.21 20.93 -7.47
CA ILE A 26 5.79 21.03 -8.81
C ILE A 26 4.68 20.96 -9.84
N ARG A 27 4.63 21.92 -10.76
CA ARG A 27 3.70 21.83 -11.88
C ARG A 27 4.03 20.58 -12.71
N VAL A 28 2.99 19.88 -13.14
CA VAL A 28 3.14 18.64 -13.89
C VAL A 28 3.94 18.80 -15.17
N ALA A 29 3.78 19.94 -15.84
CA ALA A 29 4.55 20.25 -17.05
C ALA A 29 6.04 20.41 -16.74
N ASP A 30 6.36 20.76 -15.50
CA ASP A 30 7.75 20.98 -15.05
C ASP A 30 8.37 19.74 -14.40
N LEU A 31 7.60 18.67 -14.28
CA LEU A 31 8.07 17.48 -13.56
C LEU A 31 9.28 16.82 -14.24
N LEU A 32 9.27 16.76 -15.58
CA LEU A 32 10.36 16.12 -16.32
C LEU A 32 11.72 16.83 -16.11
N GLN A 33 11.72 18.16 -16.18
CA GLN A 33 12.92 18.93 -15.86
C GLN A 33 13.30 18.83 -14.38
N HIS A 34 12.30 18.82 -13.49
CA HIS A 34 12.56 18.71 -12.05
C HIS A 34 13.29 17.42 -11.71
N ILE A 35 12.84 16.33 -12.32
CA ILE A 35 13.44 15.01 -12.10
C ILE A 35 14.88 14.97 -12.63
N ASN A 36 15.09 15.43 -13.85
CA ASN A 36 16.45 15.53 -14.43
C ASN A 36 17.42 16.30 -13.54
N LEU A 37 17.00 17.49 -13.11
CA LEU A 37 17.77 18.32 -12.18
C LEU A 37 18.09 17.58 -10.89
N MET A 38 17.10 16.88 -10.35
CA MET A 38 17.29 16.11 -9.11
C MET A 38 18.25 14.93 -9.28
N LYS A 39 18.34 14.40 -10.50
CA LYS A 39 19.30 13.34 -10.84
C LYS A 39 20.67 13.90 -11.25
N THR A 40 20.79 15.22 -11.34
CA THR A 40 21.96 15.89 -11.93
C THR A 40 22.69 16.82 -10.96
N SER A 41 21.94 17.59 -10.16
CA SER A 41 22.53 18.63 -9.31
C SER A 41 23.54 18.10 -8.29
N ASP A 42 24.67 18.80 -8.19
CA ASP A 42 25.71 18.52 -7.19
C ASP A 42 25.35 19.17 -5.85
N SER A 43 24.64 20.30 -5.92
CA SER A 43 24.18 21.03 -4.73
C SER A 43 23.08 20.26 -3.99
N TYR A 44 21.94 20.05 -4.65
CA TYR A 44 20.77 19.44 -4.03
C TYR A 44 20.05 18.54 -5.02
N GLY A 45 20.06 17.24 -4.75
CA GLY A 45 19.34 16.29 -5.57
C GLY A 45 18.59 15.26 -4.74
N PHE A 46 18.37 14.11 -5.34
CA PHE A 46 17.56 13.08 -4.70
C PHE A 46 18.19 12.57 -3.39
N LYS A 47 19.52 12.48 -3.33
CA LYS A 47 20.22 12.03 -2.11
C LYS A 47 19.93 12.98 -0.94
N GLU A 48 20.10 14.27 -1.18
CA GLU A 48 19.91 15.29 -0.14
C GLU A 48 18.45 15.33 0.29
N GLU A 49 17.56 15.31 -0.70
CA GLU A 49 16.12 15.39 -0.45
C GLU A 49 15.65 14.17 0.33
N TYR A 50 15.98 12.97 -0.15
CA TYR A 50 15.58 11.75 0.55
C TYR A 50 16.14 11.69 1.98
N GLU A 51 17.41 12.09 2.15
CA GLU A 51 18.05 12.05 3.45
C GLU A 51 17.44 13.04 4.45
N SER A 52 16.66 14.01 3.96
CA SER A 52 15.96 14.98 4.83
C SER A 52 14.69 14.42 5.47
N PHE A 53 14.17 13.28 5.00
CA PHE A 53 12.99 12.67 5.62
C PHE A 53 13.34 12.14 7.02
N PHE A 54 12.34 12.06 7.89
CA PHE A 54 12.60 11.54 9.24
C PHE A 54 12.66 10.01 9.22
N GLU A 55 13.85 9.48 9.45
CA GLU A 55 14.11 8.05 9.55
C GLU A 55 13.90 7.58 11.01
N GLY A 56 13.27 6.42 11.18
CA GLY A 56 13.02 5.84 12.49
C GLY A 56 11.71 6.28 13.16
N GLN A 57 11.62 5.98 14.45
CA GLN A 57 10.42 6.19 15.24
C GLN A 57 10.20 7.68 15.52
N SER A 58 9.07 8.20 15.05
CA SER A 58 8.69 9.61 15.25
C SER A 58 7.55 9.80 16.25
N ALA A 59 6.94 8.72 16.72
CA ALA A 59 5.80 8.77 17.65
C ALA A 59 5.74 7.51 18.54
N SER A 60 4.98 7.57 19.63
CA SER A 60 4.81 6.40 20.50
C SER A 60 4.23 5.20 19.73
N TRP A 61 4.67 4.00 20.10
CA TRP A 61 4.01 2.76 19.70
C TRP A 61 3.91 1.77 20.87
N ASP A 62 3.34 2.26 21.97
CA ASP A 62 3.28 1.53 23.22
C ASP A 62 2.49 0.23 23.09
N VAL A 63 1.33 0.29 22.44
CA VAL A 63 0.47 -0.88 22.28
C VAL A 63 1.15 -1.96 21.40
N ALA A 64 1.76 -1.52 20.31
CA ALA A 64 2.50 -2.38 19.39
C ALA A 64 3.66 -3.09 20.07
N LYS A 65 4.24 -2.45 21.08
CA LYS A 65 5.43 -2.97 21.79
C LYS A 65 5.14 -3.88 22.97
N LYS A 66 3.89 -3.98 23.40
CA LYS A 66 3.61 -4.77 24.59
C LYS A 66 3.78 -6.26 24.30
N ASP A 67 4.17 -7.00 25.33
CA ASP A 67 4.57 -8.41 25.22
C ASP A 67 3.53 -9.28 24.55
N GLN A 68 2.26 -8.94 24.76
CA GLN A 68 1.15 -9.73 24.24
C GLN A 68 1.01 -9.61 22.72
N ASN A 69 1.58 -8.55 22.15
CA ASN A 69 1.51 -8.30 20.70
C ASN A 69 2.79 -8.68 19.95
N ARG A 70 3.74 -9.32 20.63
CA ARG A 70 5.03 -9.69 20.03
C ARG A 70 4.90 -10.54 18.76
N ALA A 71 4.05 -11.58 18.80
CA ALA A 71 3.85 -12.47 17.66
C ALA A 71 3.04 -11.85 16.52
N LYS A 72 2.53 -10.63 16.72
CA LYS A 72 1.67 -9.98 15.73
C LYS A 72 2.39 -9.02 14.76
N ASN A 73 3.69 -8.82 14.98
CA ASN A 73 4.52 -7.94 14.16
C ASN A 73 5.56 -8.75 13.36
N ARG A 74 5.46 -8.72 12.04
CA ARG A 74 6.35 -9.47 11.15
C ARG A 74 7.81 -8.98 11.25
N TYR A 75 7.98 -7.67 11.24
CA TYR A 75 9.28 -7.03 11.49
C TYR A 75 9.12 -6.14 12.72
N GLY A 76 9.92 -6.43 13.74
CA GLY A 76 9.89 -5.73 15.03
C GLY A 76 10.22 -4.24 14.99
N ASN A 77 10.85 -3.77 13.91
CA ASN A 77 11.20 -2.36 13.77
C ASN A 77 10.14 -1.56 13.01
N ILE A 78 9.22 -2.26 12.35
CA ILE A 78 8.19 -1.61 11.55
C ILE A 78 6.82 -2.03 12.12
N ILE A 79 6.43 -1.28 13.14
CA ILE A 79 5.22 -1.54 13.90
C ILE A 79 4.40 -0.23 14.02
N ALA A 80 3.13 -0.40 14.39
CA ALA A 80 2.11 0.63 14.20
C ALA A 80 2.12 1.65 15.32
N TYR A 81 2.19 2.93 14.96
CA TYR A 81 2.10 4.04 15.93
C TYR A 81 0.75 4.08 16.63
N ASP A 82 0.72 4.47 17.90
CA ASP A 82 -0.53 4.57 18.67
C ASP A 82 -1.54 5.51 18.01
N HIS A 83 -1.14 6.73 17.70
CA HIS A 83 -2.09 7.76 17.28
C HIS A 83 -2.84 7.44 15.96
N SER A 84 -2.26 6.59 15.11
CA SER A 84 -2.80 6.35 13.77
C SER A 84 -3.17 4.89 13.50
N ARG A 85 -3.11 4.05 14.52
CA ARG A 85 -3.28 2.62 14.32
C ARG A 85 -4.74 2.21 14.15
N VAL A 86 -4.96 1.11 13.43
CA VAL A 86 -6.29 0.52 13.31
C VAL A 86 -6.60 -0.30 14.57
N ILE A 87 -7.56 0.20 15.35
CA ILE A 87 -7.94 -0.44 16.61
C ILE A 87 -9.06 -1.43 16.31
N LEU A 88 -8.83 -2.71 16.57
CA LEU A 88 -9.88 -3.70 16.44
C LEU A 88 -10.69 -3.81 17.73
N GLN A 89 -12.02 -3.93 17.60
CA GLN A 89 -12.88 -4.30 18.74
C GLN A 89 -12.43 -5.66 19.26
N PRO A 90 -12.25 -5.79 20.60
CA PRO A 90 -11.73 -7.03 21.20
C PRO A 90 -12.55 -8.31 20.92
N VAL A 91 -11.85 -9.45 20.86
CA VAL A 91 -12.48 -10.77 20.71
C VAL A 91 -12.12 -11.64 21.91
N ASP A 94 -9.91 -11.78 25.69
CA ASP A 94 -8.56 -11.33 25.35
C ASP A 94 -8.53 -9.81 25.19
N PRO A 95 -8.05 -9.09 26.22
CA PRO A 95 -7.89 -7.63 26.07
C PRO A 95 -6.89 -7.20 24.98
N SER A 96 -5.89 -8.03 24.70
CA SER A 96 -4.82 -7.68 23.77
C SER A 96 -5.20 -7.88 22.30
N SER A 97 -6.44 -8.29 22.04
CA SER A 97 -6.92 -8.54 20.68
C SER A 97 -7.42 -7.26 19.96
N ASP A 98 -7.01 -6.10 20.44
CA ASP A 98 -7.31 -4.84 19.76
C ASP A 98 -6.22 -4.41 18.76
N TYR A 99 -5.16 -5.22 18.65
CA TYR A 99 -3.96 -4.84 17.90
C TYR A 99 -3.78 -5.55 16.56
N ILE A 100 -3.52 -4.74 15.55
CA ILE A 100 -3.01 -5.21 14.25
C ILE A 100 -1.96 -4.18 13.80
N ASN A 101 -0.89 -4.65 13.18
CA ASN A 101 0.16 -3.80 12.66
C ASN A 101 -0.30 -3.10 11.38
N ALA A 102 -1.04 -2.02 11.57
CA ALA A 102 -1.79 -1.33 10.51
C ALA A 102 -2.01 0.09 10.95
N ASN A 103 -1.90 1.03 10.01
CA ASN A 103 -2.16 2.45 10.29
C ASN A 103 -3.00 3.07 9.18
N TYR A 104 -3.86 4.01 9.59
CA TYR A 104 -4.64 4.82 8.64
C TYR A 104 -3.75 5.86 7.97
N ILE A 105 -3.93 6.05 6.66
CA ILE A 105 -3.27 7.09 5.90
C ILE A 105 -4.35 7.82 5.07
N ASP A 106 -4.29 9.15 5.08
CA ASP A 106 -5.23 9.95 4.29
C ASP A 106 -4.92 9.81 2.80
N GLY A 107 -5.96 9.85 1.98
CA GLY A 107 -5.82 9.97 0.53
C GLY A 107 -6.05 11.40 0.10
N TYR A 108 -6.01 11.63 -1.21
CA TYR A 108 -6.24 12.97 -1.75
C TYR A 108 -7.68 13.42 -1.54
N GLN A 109 -7.84 14.43 -0.67
CA GLN A 109 -9.15 14.90 -0.24
C GLN A 109 -10.07 13.76 0.27
N ARG A 110 -9.44 12.75 0.89
CA ARG A 110 -10.11 11.52 1.35
C ARG A 110 -9.49 11.10 2.68
N PRO A 111 -10.07 11.52 3.81
CA PRO A 111 -9.50 11.15 5.11
C PRO A 111 -9.53 9.63 5.36
N SER A 112 -8.43 9.08 5.87
CA SER A 112 -8.28 7.63 6.13
C SER A 112 -8.72 6.76 4.96
N HIS A 113 -8.25 7.13 3.77
CA HIS A 113 -8.58 6.42 2.53
C HIS A 113 -7.86 5.07 2.43
N TYR A 114 -6.68 4.98 3.03
CA TYR A 114 -5.91 3.74 3.06
C TYR A 114 -5.67 3.24 4.48
N ILE A 115 -5.43 1.94 4.56
CA ILE A 115 -4.78 1.30 5.71
C ILE A 115 -3.47 0.70 5.18
N ALA A 116 -2.36 1.15 5.74
CA ALA A 116 -1.03 0.57 5.45
C ALA A 116 -0.74 -0.50 6.49
N THR A 117 -0.49 -1.71 6.04
CA THR A 117 -0.32 -2.82 6.97
C THR A 117 0.76 -3.77 6.50
N GLN A 118 1.26 -4.57 7.42
CA GLN A 118 2.17 -5.67 7.07
C GLN A 118 1.47 -6.81 6.32
N GLY A 119 2.29 -7.61 5.65
CA GLY A 119 1.82 -8.89 5.16
C GLY A 119 1.49 -9.77 6.35
N PRO A 120 0.25 -10.29 6.43
CA PRO A 120 -0.10 -11.16 7.57
C PRO A 120 0.85 -12.32 7.78
N VAL A 121 1.05 -12.67 9.04
CA VAL A 121 1.67 -13.93 9.41
C VAL A 121 0.53 -14.93 9.74
N HIS A 122 0.89 -16.19 9.89
CA HIS A 122 -0.09 -17.24 10.24
C HIS A 122 -0.96 -16.79 11.43
N GLU A 123 -0.30 -16.23 12.44
CA GLU A 123 -0.92 -15.84 13.69
C GLU A 123 -1.74 -14.54 13.63
N THR A 124 -1.74 -13.83 12.49
CA THR A 124 -2.53 -12.59 12.36
C THR A 124 -3.53 -12.61 11.20
N VAL A 125 -3.62 -13.75 10.49
CA VAL A 125 -4.53 -13.90 9.37
C VAL A 125 -5.97 -13.62 9.80
N TYR A 126 -6.34 -14.16 10.96
CA TYR A 126 -7.69 -13.99 11.47
C TYR A 126 -7.96 -12.50 11.79
N ASP A 127 -7.00 -11.84 12.43
CA ASP A 127 -7.09 -10.38 12.70
C ASP A 127 -7.14 -9.54 11.41
N PHE A 128 -6.36 -9.95 10.40
CA PHE A 128 -6.41 -9.34 9.09
C PHE A 128 -7.84 -9.31 8.54
N TRP A 129 -8.48 -10.47 8.47
CA TRP A 129 -9.89 -10.56 8.04
C TRP A 129 -10.86 -9.82 8.96
N ARG A 130 -10.65 -9.86 10.27
CA ARG A 130 -11.42 -9.06 11.20
C ARG A 130 -11.35 -7.59 10.88
N MET A 131 -10.15 -7.11 10.55
CA MET A 131 -9.96 -5.74 10.15
C MET A 131 -10.71 -5.38 8.86
N ILE A 132 -10.67 -6.29 7.87
CA ILE A 132 -11.36 -6.10 6.61
C ILE A 132 -12.87 -5.99 6.85
N TRP A 133 -13.37 -6.86 7.74
CA TRP A 133 -14.80 -6.86 8.09
C TRP A 133 -15.16 -5.57 8.82
N GLN A 134 -14.44 -5.27 9.91
CA GLN A 134 -14.69 -4.05 10.70
C GLN A 134 -14.68 -2.75 9.90
N GLU A 135 -13.68 -2.62 9.04
CA GLU A 135 -13.44 -1.37 8.31
C GLU A 135 -14.24 -1.27 7.01
N GLN A 136 -14.94 -2.33 6.67
CA GLN A 136 -15.74 -2.42 5.45
C GLN A 136 -14.91 -2.13 4.21
N SER A 137 -13.68 -2.65 4.19
CA SER A 137 -12.82 -2.52 3.03
C SER A 137 -13.35 -3.35 1.86
N ALA A 138 -13.35 -2.74 0.68
CA ALA A 138 -13.73 -3.41 -0.54
C ALA A 138 -12.52 -3.93 -1.33
N CYS A 139 -11.36 -3.29 -1.14
CA CYS A 139 -10.16 -3.59 -1.90
C CYS A 139 -9.00 -3.86 -0.96
N ILE A 140 -8.25 -4.88 -1.32
CA ILE A 140 -6.94 -5.18 -0.76
C ILE A 140 -5.96 -5.00 -1.89
N VAL A 141 -4.88 -4.28 -1.62
CA VAL A 141 -3.81 -4.07 -2.58
C VAL A 141 -2.58 -4.76 -1.99
N MET A 142 -2.09 -5.79 -2.67
CA MET A 142 -0.94 -6.56 -2.23
C MET A 142 0.21 -6.31 -3.20
N VAL A 143 1.29 -5.72 -2.67
CA VAL A 143 2.42 -5.31 -3.51
C VAL A 143 3.69 -6.10 -3.11
N THR A 144 3.50 -7.40 -2.91
CA THR A 144 4.62 -8.30 -2.71
C THR A 144 4.22 -9.64 -3.30
N ASN A 145 5.22 -10.47 -3.61
CA ASN A 145 4.95 -11.88 -3.83
C ASN A 145 5.07 -12.60 -2.47
N LEU A 146 4.48 -13.79 -2.38
CA LEU A 146 4.45 -14.54 -1.13
C LEU A 146 5.86 -14.93 -0.73
N VAL A 147 6.63 -15.39 -1.70
CA VAL A 147 7.97 -15.89 -1.45
C VAL A 147 8.92 -15.18 -2.41
N GLU A 148 10.03 -14.65 -1.89
CA GLU A 148 11.00 -13.95 -2.73
C GLU A 148 12.38 -14.48 -2.37
N VAL A 149 13.07 -15.03 -3.36
CA VAL A 149 14.17 -15.95 -3.11
C VAL A 149 13.52 -17.15 -2.44
N GLY A 150 14.02 -17.55 -1.27
CA GLY A 150 13.35 -18.57 -0.47
C GLY A 150 12.72 -18.04 0.81
N ARG A 151 12.55 -16.72 0.89
CA ARG A 151 12.06 -16.07 2.10
C ARG A 151 10.56 -15.84 1.99
N VAL A 152 9.81 -16.27 3.01
CA VAL A 152 8.37 -16.07 3.03
C VAL A 152 8.09 -14.63 3.45
N LYS A 153 7.66 -13.81 2.50
CA LYS A 153 7.35 -12.38 2.73
C LYS A 153 5.94 -12.10 3.23
N CYS A 154 5.04 -13.05 3.00
CA CYS A 154 3.64 -12.90 3.33
C CYS A 154 2.99 -14.28 3.41
N TYR A 155 2.12 -14.46 4.40
CA TYR A 155 1.33 -15.68 4.51
C TYR A 155 0.27 -15.71 3.44
N LYS A 156 -0.03 -16.89 2.91
CA LYS A 156 -1.08 -16.97 1.92
C LYS A 156 -2.41 -16.98 2.69
N TYR A 157 -2.90 -15.78 2.94
CA TYR A 157 -4.06 -15.52 3.80
C TYR A 157 -5.40 -15.67 3.09
N TRP A 158 -5.35 -16.05 1.82
CA TRP A 158 -6.58 -16.27 1.03
C TRP A 158 -6.57 -17.68 0.45
N PRO A 159 -7.78 -18.23 0.18
CA PRO A 159 -7.94 -19.53 -0.43
C PRO A 159 -7.90 -19.40 -1.95
N ASP A 160 -7.43 -20.44 -2.62
CA ASP A 160 -7.68 -20.60 -4.04
C ASP A 160 -9.15 -20.96 -4.29
N ASP A 161 -9.76 -21.69 -3.35
CA ASP A 161 -11.17 -22.14 -3.44
C ASP A 161 -11.91 -21.55 -2.25
N THR A 162 -11.90 -22.24 -1.11
CA THR A 162 -12.62 -21.79 0.07
C THR A 162 -11.83 -22.12 1.29
N GLU A 163 -11.92 -21.26 2.30
CA GLU A 163 -11.27 -21.51 3.55
C GLU A 163 -12.00 -20.79 4.68
N VAL A 164 -11.81 -21.30 5.90
CA VAL A 164 -12.34 -20.68 7.11
C VAL A 164 -11.21 -20.29 8.03
N TYR A 165 -11.29 -19.05 8.52
CA TYR A 165 -10.37 -18.49 9.53
C TYR A 165 -11.22 -17.98 10.68
N GLY A 166 -11.20 -18.68 11.81
CA GLY A 166 -12.08 -18.41 12.94
C GLY A 166 -13.55 -18.46 12.54
N ASP A 167 -14.23 -17.32 12.67
CA ASP A 167 -15.65 -17.23 12.27
C ASP A 167 -15.82 -16.61 10.87
N PHE A 168 -14.77 -16.59 10.06
CA PHE A 168 -14.84 -16.08 8.68
C PHE A 168 -14.74 -17.20 7.66
N LYS A 169 -15.61 -17.15 6.65
CA LYS A 169 -15.52 -18.01 5.49
C LYS A 169 -15.26 -17.16 4.27
N VAL A 170 -14.11 -17.43 3.64
CA VAL A 170 -13.65 -16.71 2.48
C VAL A 170 -13.74 -17.67 1.32
N THR A 171 -14.38 -17.21 0.24
CA THR A 171 -14.53 -18.04 -0.94
C THR A 171 -14.03 -17.26 -2.12
N CYS A 172 -13.11 -17.84 -2.88
CA CYS A 172 -12.65 -17.21 -4.11
C CYS A 172 -13.63 -17.53 -5.23
N VAL A 173 -14.26 -16.49 -5.77
CA VAL A 173 -15.29 -16.66 -6.80
C VAL A 173 -14.80 -16.30 -8.20
N GLU A 174 -13.69 -15.57 -8.30
CA GLU A 174 -13.04 -15.32 -9.57
C GLU A 174 -11.55 -14.98 -9.42
N MET A 175 -10.75 -15.42 -10.39
CA MET A 175 -9.36 -15.00 -10.51
CA MET A 175 -9.35 -15.01 -10.51
C MET A 175 -9.13 -14.53 -11.94
N GLU A 176 -8.62 -13.31 -12.09
CA GLU A 176 -8.36 -12.70 -13.40
C GLU A 176 -6.89 -12.34 -13.47
N PRO A 177 -6.08 -13.19 -14.14
CA PRO A 177 -4.64 -12.95 -14.17
C PRO A 177 -4.22 -12.10 -15.39
N LEU A 178 -3.57 -10.97 -15.11
CA LEU A 178 -2.92 -10.16 -16.11
C LEU A 178 -1.40 -10.39 -16.04
N ALA A 179 -0.65 -9.70 -16.89
CA ALA A 179 0.80 -9.94 -17.04
C ALA A 179 1.58 -9.66 -15.75
N GLU A 180 1.29 -8.53 -15.10
CA GLU A 180 2.00 -8.15 -13.89
C GLU A 180 1.14 -8.09 -12.65
N TYR A 181 -0.11 -8.54 -12.75
CA TYR A 181 -0.96 -8.63 -11.57
C TYR A 181 -2.16 -9.55 -11.77
N VAL A 182 -2.76 -9.94 -10.64
CA VAL A 182 -3.92 -10.80 -10.60
C VAL A 182 -5.01 -10.10 -9.83
N VAL A 183 -6.24 -10.15 -10.31
CA VAL A 183 -7.38 -9.66 -9.54
C VAL A 183 -8.17 -10.89 -9.06
N ARG A 184 -8.29 -11.02 -7.74
CA ARG A 184 -9.03 -12.09 -7.09
C ARG A 184 -10.25 -11.51 -6.40
N THR A 185 -11.41 -12.08 -6.72
CA THR A 185 -12.66 -11.68 -6.10
C THR A 185 -13.11 -12.73 -5.08
N PHE A 186 -13.39 -12.27 -3.87
CA PHE A 186 -13.85 -13.15 -2.81
C PHE A 186 -15.22 -12.76 -2.32
N THR A 187 -15.94 -13.73 -1.77
CA THR A 187 -16.99 -13.44 -0.80
C THR A 187 -16.42 -13.63 0.60
N LEU A 188 -16.94 -12.83 1.53
CA LEU A 188 -16.55 -12.88 2.92
C LEU A 188 -17.81 -12.98 3.77
N GLU A 189 -17.91 -14.09 4.50
CA GLU A 189 -19.02 -14.35 5.41
C GLU A 189 -18.47 -14.46 6.83
N ARG A 190 -19.23 -13.97 7.79
CA ARG A 190 -18.90 -14.09 9.20
C ARG A 190 -20.00 -14.86 9.92
N ARG A 191 -19.63 -15.87 10.68
CA ARG A 191 -20.60 -16.67 11.42
C ARG A 191 -21.44 -15.76 12.30
N GLY A 192 -22.76 -15.90 12.20
CA GLY A 192 -23.71 -15.07 12.95
C GLY A 192 -24.12 -13.76 12.28
N TYR A 193 -23.69 -13.54 11.02
CA TYR A 193 -24.04 -12.30 10.31
C TYR A 193 -24.67 -12.66 8.96
N ASN A 194 -25.83 -12.06 8.66
CA ASN A 194 -26.59 -12.42 7.46
C ASN A 194 -26.00 -11.88 6.15
N GLU A 195 -25.11 -10.91 6.23
CA GLU A 195 -24.61 -10.25 5.02
C GLU A 195 -23.41 -10.97 4.45
N ILE A 196 -23.44 -11.24 3.15
CA ILE A 196 -22.29 -11.79 2.43
C ILE A 196 -21.62 -10.65 1.64
N ARG A 197 -20.37 -10.37 1.97
CA ARG A 197 -19.66 -9.23 1.40
C ARG A 197 -18.73 -9.65 0.29
N GLU A 198 -18.45 -8.71 -0.60
CA GLU A 198 -17.41 -8.92 -1.59
C GLU A 198 -16.15 -8.16 -1.17
N VAL A 199 -15.03 -8.81 -1.40
CA VAL A 199 -13.69 -8.21 -1.26
C VAL A 199 -12.87 -8.58 -2.50
N LYS A 200 -12.24 -7.59 -3.10
CA LYS A 200 -11.40 -7.81 -4.26
C LYS A 200 -9.96 -7.54 -3.86
N GLN A 201 -9.10 -8.49 -4.18
CA GLN A 201 -7.68 -8.39 -3.91
C GLN A 201 -6.98 -8.10 -5.22
N PHE A 202 -6.22 -7.00 -5.23
CA PHE A 202 -5.41 -6.63 -6.36
C PHE A 202 -3.97 -6.94 -6.03
N HIS A 203 -3.46 -7.99 -6.65
CA HIS A 203 -2.17 -8.56 -6.27
C HIS A 203 -1.14 -8.25 -7.37
N PHE A 204 -0.28 -7.28 -7.09
CA PHE A 204 0.75 -6.90 -8.03
C PHE A 204 1.89 -7.87 -7.87
N THR A 205 2.22 -8.55 -8.95
CA THR A 205 3.23 -9.58 -8.93
C THR A 205 4.50 -9.16 -9.68
N GLY A 206 4.45 -8.01 -10.34
CA GLY A 206 5.53 -7.57 -11.21
C GLY A 206 6.57 -6.69 -10.52
N TRP A 207 6.55 -6.66 -9.19
CA TRP A 207 7.61 -6.01 -8.44
C TRP A 207 8.78 -7.01 -8.42
N PRO A 208 9.99 -6.58 -8.82
CA PRO A 208 11.17 -7.48 -8.81
C PRO A 208 11.66 -7.85 -7.40
N ASP A 209 12.26 -9.04 -7.30
CA ASP A 209 12.85 -9.53 -6.04
C ASP A 209 13.81 -8.51 -5.43
N HIS A 210 14.62 -7.89 -6.28
CA HIS A 210 15.52 -6.84 -5.86
C HIS A 210 15.37 -5.62 -6.77
N GLY A 211 15.18 -4.47 -6.16
CA GLY A 211 15.09 -3.22 -6.88
C GLY A 211 13.71 -2.61 -6.91
N VAL A 212 13.52 -1.82 -7.95
CA VAL A 212 12.23 -1.27 -8.26
C VAL A 212 11.94 -1.74 -9.70
N PRO A 213 10.66 -1.81 -10.09
CA PRO A 213 10.36 -2.17 -11.48
C PRO A 213 11.18 -1.40 -12.52
N TYR A 214 11.63 -2.09 -13.58
CA TYR A 214 12.39 -1.45 -14.66
C TYR A 214 11.48 -0.50 -15.41
N HIS A 215 10.21 -0.88 -15.50
CA HIS A 215 9.17 -0.04 -16.05
C HIS A 215 8.07 0.15 -15.01
N ALA A 216 7.61 1.40 -14.92
CA ALA A 216 6.49 1.77 -14.08
C ALA A 216 5.13 1.36 -14.70
N THR A 217 5.14 0.98 -15.98
CA THR A 217 3.93 0.77 -16.78
C THR A 217 2.93 -0.22 -16.18
N GLY A 218 3.40 -1.38 -15.73
CA GLY A 218 2.51 -2.38 -15.15
C GLY A 218 1.89 -1.89 -13.84
N LEU A 219 2.70 -1.26 -13.00
CA LEU A 219 2.22 -0.71 -11.74
C LEU A 219 1.19 0.39 -11.95
N LEU A 220 1.41 1.24 -12.95
CA LEU A 220 0.43 2.29 -13.30
C LEU A 220 -0.91 1.69 -13.74
N SER A 221 -0.87 0.69 -14.63
CA SER A 221 -2.05 -0.05 -15.03
CA SER A 221 -2.05 -0.05 -15.03
C SER A 221 -2.79 -0.65 -13.83
N PHE A 222 -2.03 -1.28 -12.94
CA PHE A 222 -2.52 -1.80 -11.67
C PHE A 222 -3.23 -0.71 -10.87
N ILE A 223 -2.55 0.41 -10.70
CA ILE A 223 -3.06 1.55 -9.93
C ILE A 223 -4.37 2.07 -10.53
N ARG A 224 -4.45 2.16 -11.85
CA ARG A 224 -5.65 2.62 -12.49
C ARG A 224 -6.81 1.62 -12.36
N ARG A 225 -6.49 0.34 -12.37
CA ARG A 225 -7.49 -0.68 -12.15
C ARG A 225 -8.12 -0.58 -10.75
N VAL A 226 -7.29 -0.37 -9.73
CA VAL A 226 -7.80 -0.21 -8.38
C VAL A 226 -8.71 1.02 -8.30
N LYS A 227 -8.28 2.16 -8.85
CA LYS A 227 -9.09 3.39 -8.84
C LYS A 227 -10.48 3.19 -9.45
N LEU A 228 -10.53 2.41 -10.53
CA LEU A 228 -11.77 2.06 -11.22
C LEU A 228 -12.64 1.07 -10.45
N SER A 229 -12.04 0.29 -9.56
CA SER A 229 -12.75 -0.78 -8.86
C SER A 229 -13.23 -0.41 -7.46
N ASN A 230 -12.53 0.51 -6.79
CA ASN A 230 -12.88 0.84 -5.40
C ASN A 230 -14.11 1.75 -5.34
N PRO A 231 -15.18 1.31 -4.65
CA PRO A 231 -16.34 2.22 -4.50
C PRO A 231 -16.04 3.40 -3.55
N PRO A 232 -16.47 4.63 -3.89
CA PRO A 232 -16.28 5.77 -2.96
C PRO A 232 -16.95 5.58 -1.59
N SER A 233 -18.02 4.79 -1.55
CA SER A 233 -18.72 4.41 -0.33
C SER A 233 -18.04 3.28 0.47
N ALA A 234 -17.08 2.59 -0.13
CA ALA A 234 -16.38 1.49 0.55
C ALA A 234 -15.47 2.04 1.64
N GLY A 235 -15.01 1.16 2.51
CA GLY A 235 -14.10 1.54 3.58
C GLY A 235 -12.70 1.74 3.03
N PRO A 236 -11.71 1.91 3.93
CA PRO A 236 -10.31 2.14 3.52
C PRO A 236 -9.76 1.01 2.66
N ILE A 237 -8.93 1.36 1.67
CA ILE A 237 -8.22 0.34 0.92
C ILE A 237 -7.11 -0.20 1.80
N VAL A 238 -7.05 -1.54 1.94
CA VAL A 238 -6.00 -2.20 2.70
C VAL A 238 -4.82 -2.45 1.78
N VAL A 239 -3.72 -1.74 2.05
CA VAL A 239 -2.51 -1.84 1.27
C VAL A 239 -1.43 -2.57 2.09
N HIS A 240 -0.85 -3.60 1.51
CA HIS A 240 0.28 -4.26 2.15
C HIS A 240 1.33 -4.80 1.22
N CYS A 241 2.55 -4.92 1.77
CA CYS A 241 3.63 -5.65 1.13
C CYS A 241 4.06 -6.74 2.14
N SER A 242 5.31 -6.70 2.58
CA SER A 242 5.77 -7.59 3.66
C SER A 242 5.73 -6.80 4.98
N ALA A 243 6.59 -5.80 5.13
CA ALA A 243 6.64 -4.95 6.34
C ALA A 243 5.52 -3.92 6.40
N GLY A 244 5.05 -3.47 5.24
CA GLY A 244 3.97 -2.47 5.16
C GLY A 244 4.51 -1.04 5.10
N ALA A 245 5.75 -0.89 4.66
CA ALA A 245 6.45 0.39 4.67
C ALA A 245 6.87 0.87 3.27
N GLY A 246 7.62 0.03 2.57
CA GLY A 246 8.32 0.43 1.37
C GLY A 246 7.47 0.46 0.13
N ARG A 247 7.15 -0.73 -0.37
CA ARG A 247 6.35 -0.91 -1.57
C ARG A 247 4.94 -0.38 -1.33
N THR A 248 4.47 -0.53 -0.09
CA THR A 248 3.14 -0.02 0.35
C THR A 248 3.14 1.52 0.22
N GLY A 249 4.23 2.11 0.71
CA GLY A 249 4.46 3.55 0.60
C GLY A 249 4.46 4.01 -0.85
N CYS A 250 5.18 3.30 -1.70
CA CYS A 250 5.24 3.65 -3.13
C CYS A 250 3.86 3.67 -3.77
N TYR A 251 3.10 2.61 -3.57
CA TYR A 251 1.75 2.51 -4.10
C TYR A 251 0.91 3.71 -3.67
N ILE A 252 0.89 3.99 -2.39
CA ILE A 252 0.01 5.03 -1.86
C ILE A 252 0.40 6.40 -2.37
N VAL A 253 1.71 6.69 -2.40
CA VAL A 253 2.15 8.02 -2.81
C VAL A 253 1.80 8.25 -4.28
N ILE A 254 2.11 7.28 -5.13
CA ILE A 254 1.75 7.41 -6.55
C ILE A 254 0.24 7.61 -6.74
N ASP A 255 -0.55 6.83 -6.00
CA ASP A 255 -2.02 6.89 -6.10
C ASP A 255 -2.57 8.27 -5.75
N ILE A 256 -2.15 8.80 -4.59
CA ILE A 256 -2.48 10.16 -4.18
C ILE A 256 -2.00 11.26 -5.16
N MET A 257 -0.76 11.15 -5.64
CA MET A 257 -0.20 12.15 -6.54
C MET A 257 -0.89 12.19 -7.88
N LEU A 258 -1.35 11.02 -8.36
CA LEU A 258 -2.09 11.00 -9.62
C LEU A 258 -3.47 11.67 -9.47
N ASP A 259 -4.07 11.57 -8.29
CA ASP A 259 -5.32 12.30 -7.99
C ASP A 259 -5.04 13.79 -7.96
N MET A 260 -3.95 14.19 -7.30
CA MET A 260 -3.59 15.63 -7.20
C MET A 260 -3.28 16.22 -8.57
N ALA A 261 -2.53 15.48 -9.37
CA ALA A 261 -2.18 15.87 -10.74
C ALA A 261 -3.43 16.09 -11.60
N GLU A 262 -4.36 15.14 -11.56
CA GLU A 262 -5.61 15.25 -12.32
C GLU A 262 -6.41 16.48 -11.93
N ARG A 263 -6.56 16.71 -10.63
CA ARG A 263 -7.34 17.85 -10.16
C ARG A 263 -6.61 19.18 -10.28
N GLU A 264 -5.36 19.23 -9.83
CA GLU A 264 -4.66 20.53 -9.68
C GLU A 264 -3.58 20.82 -10.73
N GLY A 265 -3.18 19.82 -11.51
CA GLY A 265 -2.09 19.99 -12.48
C GLY A 265 -0.74 20.20 -11.81
N VAL A 266 -0.64 19.64 -10.60
CA VAL A 266 0.50 19.84 -9.71
C VAL A 266 0.73 18.52 -8.93
N VAL A 267 1.99 18.21 -8.58
CA VAL A 267 2.30 17.13 -7.62
C VAL A 267 3.22 17.63 -6.50
N ASP A 268 3.03 17.08 -5.31
CA ASP A 268 3.85 17.43 -4.13
C ASP A 268 4.31 16.15 -3.43
N ILE A 269 5.23 15.48 -4.10
CA ILE A 269 5.68 14.16 -3.71
C ILE A 269 6.38 14.23 -2.36
N TYR A 270 7.26 15.21 -2.20
CA TYR A 270 8.05 15.38 -0.98
C TYR A 270 7.17 15.51 0.26
N ASN A 271 6.16 16.36 0.19
CA ASN A 271 5.27 16.54 1.33
C ASN A 271 4.32 15.38 1.53
N CYS A 272 4.04 14.66 0.45
CA CYS A 272 3.24 13.45 0.53
C CYS A 272 3.96 12.36 1.35
N VAL A 273 5.22 12.10 1.03
CA VAL A 273 6.01 11.14 1.81
C VAL A 273 6.09 11.55 3.29
N LYS A 274 6.35 12.84 3.51
CA LYS A 274 6.40 13.41 4.86
C LYS A 274 5.10 13.11 5.63
N ALA A 275 3.96 13.34 4.98
CA ALA A 275 2.64 13.02 5.55
C ALA A 275 2.49 11.54 5.88
N LEU A 276 2.88 10.65 4.97
CA LEU A 276 2.78 9.22 5.24
C LEU A 276 3.61 8.83 6.46
N ARG A 277 4.80 9.40 6.57
CA ARG A 277 5.73 9.04 7.61
C ARG A 277 5.28 9.53 8.99
N SER A 278 4.41 10.54 9.02
CA SER A 278 3.74 10.92 10.27
C SER A 278 2.82 9.78 10.74
N ARG A 279 2.30 8.99 9.81
CA ARG A 279 1.29 7.98 10.15
C ARG A 279 1.88 6.59 10.45
N ARG A 280 3.01 6.28 9.83
CA ARG A 280 3.63 4.96 9.92
C ARG A 280 5.13 5.07 9.59
N ILE A 281 5.94 4.40 10.39
CA ILE A 281 7.39 4.46 10.28
C ILE A 281 7.94 4.13 8.87
N ASN A 282 8.84 5.00 8.40
CA ASN A 282 9.71 4.72 7.24
C ASN A 282 9.04 4.37 5.91
N MET A 283 7.83 4.89 5.71
CA MET A 283 7.12 4.71 4.45
C MET A 283 8.03 5.23 3.36
N VAL A 284 8.15 4.44 2.30
CA VAL A 284 9.13 4.63 1.25
C VAL A 284 10.54 4.38 1.82
N GLN A 285 10.95 3.12 1.79
CA GLN A 285 12.10 2.67 2.59
C GLN A 285 13.49 2.96 2.02
N THR A 286 13.57 3.22 0.70
CA THR A 286 14.87 3.48 0.06
C THR A 286 14.78 4.67 -0.87
N GLU A 287 15.94 5.28 -1.13
CA GLU A 287 16.05 6.38 -2.07
C GLU A 287 15.68 5.93 -3.49
N GLU A 288 16.07 4.71 -3.84
CA GLU A 288 15.70 4.13 -5.12
C GLU A 288 14.17 4.10 -5.29
N GLN A 289 13.45 3.74 -4.23
CA GLN A 289 11.99 3.74 -4.24
C GLN A 289 11.45 5.19 -4.37
N TYR A 290 12.06 6.14 -3.69
CA TYR A 290 11.64 7.55 -3.79
C TYR A 290 11.76 8.05 -5.24
N ILE A 291 12.86 7.68 -5.89
CA ILE A 291 13.12 8.08 -7.28
C ILE A 291 12.14 7.39 -8.24
N PHE A 292 11.90 6.10 -8.00
CA PHE A 292 10.91 5.35 -8.74
C PHE A 292 9.50 5.99 -8.67
N ILE A 293 9.10 6.48 -7.49
CA ILE A 293 7.85 7.22 -7.37
C ILE A 293 7.77 8.38 -8.35
N HIS A 294 8.86 9.14 -8.46
CA HIS A 294 8.95 10.23 -9.41
C HIS A 294 8.85 9.74 -10.84
N ASP A 295 9.65 8.73 -11.20
CA ASP A 295 9.64 8.21 -12.56
C ASP A 295 8.26 7.69 -12.96
N ALA A 296 7.58 7.01 -12.03
CA ALA A 296 6.25 6.45 -12.28
C ALA A 296 5.18 7.54 -12.50
N ILE A 297 5.18 8.55 -11.63
CA ILE A 297 4.24 9.67 -11.78
C ILE A 297 4.47 10.41 -13.10
N LEU A 298 5.72 10.62 -13.47
CA LEU A 298 6.08 11.26 -14.74
C LEU A 298 5.60 10.47 -15.94
N GLU A 299 5.82 9.15 -15.94
CA GLU A 299 5.32 8.34 -17.04
C GLU A 299 3.79 8.49 -17.14
N ALA A 300 3.15 8.51 -15.98
CA ALA A 300 1.69 8.61 -15.90
C ALA A 300 1.20 9.94 -16.47
N CYS A 301 1.86 11.03 -16.08
CA CYS A 301 1.54 12.35 -16.57
C CYS A 301 1.85 12.55 -18.04
N LEU A 302 2.96 11.98 -18.50
CA LEU A 302 3.37 12.11 -19.91
C LEU A 302 2.48 11.27 -20.80
N CYS A 303 2.32 10.01 -20.42
CA CYS A 303 1.68 9.02 -21.27
C CYS A 303 0.16 8.98 -21.13
N GLY A 304 -0.35 9.09 -19.91
CA GLY A 304 -1.80 8.99 -19.66
C GLY A 304 -2.32 7.57 -19.67
N GLU A 305 -3.62 7.43 -19.87
CA GLU A 305 -4.34 6.16 -19.67
C GLU A 305 -4.40 5.28 -20.91
N THR A 306 -4.53 5.92 -22.07
CA THR A 306 -4.47 5.24 -23.35
C THR A 306 -3.14 5.65 -23.96
N ALA A 307 -2.09 4.86 -23.68
CA ALA A 307 -0.76 5.10 -24.24
C ALA A 307 -0.30 3.92 -25.10
N ILE A 308 0.36 4.23 -26.21
CA ILE A 308 1.10 3.22 -26.99
C ILE A 308 2.51 3.01 -26.39
N PRO A 309 3.17 1.89 -26.75
CA PRO A 309 4.47 1.52 -26.15
C PRO A 309 5.63 2.51 -26.38
N VAL A 310 5.61 3.29 -27.47
CA VAL A 310 6.69 4.26 -27.78
C VAL A 310 6.87 5.33 -26.68
N CYS A 311 5.72 5.59 -25.92
CA CYS A 311 5.72 6.54 -24.80
C CYS A 311 6.41 5.94 -23.58
N GLU A 312 7.54 6.55 -23.20
CA GLU A 312 8.35 6.08 -22.05
C GLU A 312 8.83 4.60 -22.17
N PHE A 313 9.03 4.16 -23.41
CA PHE A 313 9.77 2.93 -23.69
C PHE A 313 11.23 3.18 -23.28
#